data_4JBA
#
_entry.id   4JBA
#
_cell.length_a   62.270
_cell.length_b   62.270
_cell.length_c   161.880
_cell.angle_alpha   90.000
_cell.angle_beta   90.000
_cell.angle_gamma   120.000
#
_symmetry.space_group_name_H-M   'P 31 2 1'
#
loop_
_entity.id
_entity.type
_entity.pdbx_description
1 polymer 'Multiple antibiotic resistance protein MarR'
2 water water
#
_entity_poly.entity_id   1
_entity_poly.type   'polypeptide(L)'
_entity_poly.pdbx_seq_one_letter_code
;MKSTSDLFNEIIPLGRLIHMVNQKKDRLLNEYLSPLDITAAQFKVLSSIRSAASITPVELKKVLSVDLGALTRMLDRLVC
KGWVERLPNPNDKRGVLVKLTTGGAAISEQSHQLVGQDLHQELTKNLTADEVATLEYLLKKVLP
;
_entity_poly.pdbx_strand_id   A,B
#
# COMPACT_ATOMS: atom_id res chain seq x y z
N LEU A 7 11.29 -13.51 -13.81
CA LEU A 7 10.52 -13.75 -12.55
C LEU A 7 10.16 -15.21 -12.42
N PHE A 8 10.05 -15.89 -13.56
CA PHE A 8 9.47 -17.22 -13.59
C PHE A 8 10.52 -18.31 -13.40
N ASN A 9 11.76 -17.90 -13.16
CA ASN A 9 12.76 -18.81 -12.61
C ASN A 9 12.84 -18.74 -11.08
N GLU A 10 12.46 -17.61 -10.50
CA GLU A 10 12.68 -17.36 -9.07
C GLU A 10 11.51 -17.82 -8.19
N ILE A 11 11.82 -18.30 -7.00
CA ILE A 11 10.80 -18.49 -5.97
C ILE A 11 10.68 -17.24 -5.12
N ILE A 12 9.55 -16.55 -5.24
CA ILE A 12 9.33 -15.27 -4.57
C ILE A 12 8.23 -15.38 -3.52
N PRO A 13 8.55 -14.96 -2.27
CA PRO A 13 7.57 -15.06 -1.19
C PRO A 13 6.28 -14.33 -1.54
N LEU A 14 5.16 -14.97 -1.23
CA LEU A 14 3.85 -14.41 -1.47
C LEU A 14 3.75 -12.92 -1.01
N GLY A 15 4.34 -12.62 0.15
CA GLY A 15 4.33 -11.28 0.67
C GLY A 15 4.84 -10.26 -0.32
N ARG A 16 6.01 -10.53 -0.89
CA ARG A 16 6.60 -9.60 -1.82
C ARG A 16 5.79 -9.51 -3.08
N LEU A 17 5.25 -10.64 -3.52
CA LEU A 17 4.44 -10.67 -4.71
C LEU A 17 3.22 -9.79 -4.57
N ILE A 18 2.58 -9.84 -3.41
CA ILE A 18 1.45 -8.95 -3.13
C ILE A 18 1.91 -7.49 -3.11
N HIS A 19 3.00 -7.22 -2.41
CA HIS A 19 3.60 -5.92 -2.42
C HIS A 19 3.80 -5.45 -3.83
N MET A 20 4.48 -6.26 -4.62
CA MET A 20 4.80 -5.88 -6.00
C MET A 20 3.54 -5.57 -6.79
N VAL A 21 2.59 -6.49 -6.75
CA VAL A 21 1.37 -6.36 -7.53
C VAL A 21 0.55 -5.16 -7.05
N ASN A 22 0.66 -4.85 -5.77
CA ASN A 22 0.01 -3.68 -5.21
C ASN A 22 0.60 -2.38 -5.73
N GLN A 23 1.93 -2.32 -5.79
CA GLN A 23 2.59 -1.15 -6.34
C GLN A 23 2.15 -0.91 -7.77
N LYS A 24 2.00 -2.00 -8.53
CA LYS A 24 1.55 -1.89 -9.90
C LYS A 24 0.14 -1.36 -9.98
N LYS A 25 -0.72 -1.85 -9.09
CA LYS A 25 -2.10 -1.36 -9.05
C LYS A 25 -2.14 0.15 -8.85
N ASP A 26 -1.29 0.65 -7.94
CA ASP A 26 -1.27 2.09 -7.62
C ASP A 26 -0.76 2.95 -8.76
N ARG A 27 0.31 2.50 -9.40
CA ARG A 27 0.83 3.21 -10.56
C ARG A 27 -0.22 3.33 -11.67
N LEU A 28 -0.97 2.27 -11.89
CA LEU A 28 -2.06 2.29 -12.87
C LEU A 28 -3.17 3.23 -12.43
N LEU A 29 -3.49 3.20 -11.14
CA LEU A 29 -4.48 4.08 -10.58
C LEU A 29 -4.12 5.54 -10.86
N ASN A 30 -2.91 5.93 -10.47
CA ASN A 30 -2.45 7.28 -10.67
C ASN A 30 -2.46 7.69 -12.13
N GLU A 31 -2.04 6.78 -13.00
CA GLU A 31 -2.06 7.05 -14.43
C GLU A 31 -3.48 7.34 -14.90
N TYR A 32 -4.42 6.46 -14.55
CA TYR A 32 -5.79 6.55 -15.05
C TYR A 32 -6.61 7.64 -14.36
N LEU A 33 -6.12 8.10 -13.19
CA LEU A 33 -6.81 9.14 -12.41
C LEU A 33 -6.41 10.55 -12.87
N SER A 34 -5.26 10.66 -13.50
CA SER A 34 -4.68 11.98 -13.77
C SER A 34 -5.65 12.98 -14.44
N PRO A 35 -6.44 12.52 -15.44
CA PRO A 35 -7.37 13.44 -16.12
C PRO A 35 -8.30 14.16 -15.13
N LEU A 36 -8.40 13.63 -13.92
CA LEU A 36 -9.29 14.20 -12.89
C LEU A 36 -8.49 14.95 -11.83
N ASP A 37 -7.18 15.05 -12.01
CA ASP A 37 -6.34 15.80 -11.07
C ASP A 37 -6.52 15.29 -9.63
N ILE A 38 -6.35 13.98 -9.45
CA ILE A 38 -6.38 13.37 -8.13
C ILE A 38 -5.45 12.16 -8.08
N THR A 39 -4.81 11.95 -6.93
CA THR A 39 -3.80 10.89 -6.81
C THR A 39 -4.42 9.63 -6.24
N ALA A 40 -3.78 8.49 -6.51
CA ALA A 40 -4.20 7.22 -5.95
C ALA A 40 -4.45 7.34 -4.45
N ALA A 41 -3.52 8.00 -3.75
CA ALA A 41 -3.64 8.18 -2.31
C ALA A 41 -4.90 8.93 -1.96
N GLN A 42 -5.12 10.05 -2.64
CA GLN A 42 -6.31 10.85 -2.42
C GLN A 42 -7.55 10.05 -2.74
N PHE A 43 -7.47 9.25 -3.79
CA PHE A 43 -8.57 8.40 -4.18
C PHE A 43 -8.97 7.48 -3.04
N LYS A 44 -7.99 6.77 -2.48
CA LYS A 44 -8.26 5.78 -1.46
C LYS A 44 -8.81 6.40 -0.19
N VAL A 45 -8.36 7.59 0.12
CA VAL A 45 -8.82 8.28 1.31
C VAL A 45 -10.26 8.77 1.12
N LEU A 46 -10.60 9.17 -0.10
CA LEU A 46 -11.98 9.55 -0.40
C LEU A 46 -12.88 8.32 -0.36
N SER A 47 -12.36 7.19 -0.82
CA SER A 47 -13.12 5.95 -0.85
C SER A 47 -13.48 5.47 0.56
N SER A 48 -12.48 5.48 1.45
CA SER A 48 -12.68 5.01 2.81
C SER A 48 -13.71 5.84 3.57
N ILE A 49 -13.72 7.14 3.30
CA ILE A 49 -14.68 8.04 3.93
C ILE A 49 -16.07 7.86 3.34
N ARG A 50 -16.12 7.73 2.02
CA ARG A 50 -17.35 7.41 1.32
C ARG A 50 -18.07 6.22 1.95
N SER A 51 -17.34 5.12 2.13
CA SER A 51 -17.96 3.87 2.51
C SER A 51 -18.36 3.84 3.99
N ALA A 52 -17.62 4.59 4.82
CA ALA A 52 -17.96 4.76 6.23
C ALA A 52 -18.96 5.90 6.44
N ALA A 53 -19.08 6.77 5.44
CA ALA A 53 -20.05 7.90 5.46
C ALA A 53 -19.58 9.08 6.34
N SER A 54 -19.21 8.77 7.58
CA SER A 54 -18.38 9.69 8.39
C SER A 54 -17.61 8.95 9.47
N ILE A 55 -16.40 9.42 9.78
CA ILE A 55 -15.38 8.58 10.40
C ILE A 55 -14.33 9.38 11.16
N THR A 56 -13.85 8.83 12.27
CA THR A 56 -12.81 9.44 13.08
C THR A 56 -11.48 9.38 12.36
N PRO A 57 -10.69 10.47 12.44
CA PRO A 57 -9.32 10.43 11.93
C PRO A 57 -8.53 9.29 12.56
N VAL A 58 -8.72 9.09 13.86
CA VAL A 58 -8.15 7.95 14.56
C VAL A 58 -8.56 6.62 13.90
N GLU A 59 -9.86 6.47 13.65
CA GLU A 59 -10.38 5.29 12.98
C GLU A 59 -9.89 5.20 11.55
N LEU A 60 -9.91 6.33 10.86
CA LEU A 60 -9.44 6.40 9.47
C LEU A 60 -7.95 6.05 9.38
N LYS A 61 -7.18 6.52 10.36
CA LYS A 61 -5.77 6.13 10.49
C LYS A 61 -5.62 4.61 10.62
N LYS A 62 -6.55 4.00 11.34
CA LYS A 62 -6.51 2.55 11.58
C LYS A 62 -6.90 1.75 10.33
N VAL A 63 -7.89 2.25 9.59
CA VAL A 63 -8.41 1.53 8.43
C VAL A 63 -7.51 1.67 7.19
N LEU A 64 -6.55 2.59 7.25
CA LEU A 64 -5.66 2.86 6.11
C LEU A 64 -4.19 2.54 6.42
N SER A 65 -3.85 2.54 7.71
CA SER A 65 -2.59 1.94 8.17
C SER A 65 -1.37 2.83 7.91
N VAL A 66 -1.61 4.09 7.56
CA VAL A 66 -0.55 5.06 7.43
C VAL A 66 -0.55 6.00 8.64
N ASP A 67 0.49 6.82 8.79
CA ASP A 67 0.73 7.55 10.04
C ASP A 67 -0.36 8.60 10.31
N LEU A 68 -0.53 8.94 11.59
CA LEU A 68 -1.62 9.83 12.00
C LEU A 68 -1.41 11.27 11.51
N GLY A 69 -0.18 11.77 11.65
CA GLY A 69 0.18 13.09 11.16
C GLY A 69 -0.02 13.22 9.66
N ALA A 70 0.50 12.24 8.91
CA ALA A 70 0.41 12.24 7.45
C ALA A 70 -1.04 12.37 6.97
N LEU A 71 -1.95 11.78 7.73
CA LEU A 71 -3.37 11.80 7.38
C LEU A 71 -4.02 13.16 7.68
N THR A 72 -3.71 13.72 8.84
CA THR A 72 -4.09 15.10 9.16
C THR A 72 -3.70 16.09 8.04
N ARG A 73 -2.46 15.98 7.57
CA ARG A 73 -1.98 16.81 6.44
C ARG A 73 -2.79 16.52 5.19
N MET A 74 -3.06 15.24 4.94
CA MET A 74 -3.80 14.82 3.77
C MET A 74 -5.22 15.34 3.81
N LEU A 75 -5.84 15.23 4.98
CA LEU A 75 -7.19 15.76 5.18
C LEU A 75 -7.21 17.28 4.99
N ASP A 76 -6.19 17.96 5.52
CA ASP A 76 -6.02 19.40 5.29
C ASP A 76 -6.14 19.75 3.80
N ARG A 77 -5.35 19.06 2.98
CA ARG A 77 -5.40 19.26 1.53
C ARG A 77 -6.79 18.96 0.96
N LEU A 78 -7.38 17.84 1.39
CA LEU A 78 -8.67 17.40 0.85
C LEU A 78 -9.79 18.37 1.21
N VAL A 79 -9.70 18.94 2.41
CA VAL A 79 -10.61 19.98 2.83
C VAL A 79 -10.46 21.24 1.98
N CYS A 80 -9.21 21.62 1.71
CA CYS A 80 -8.93 22.78 0.86
C CYS A 80 -9.40 22.57 -0.58
N LYS A 81 -9.17 21.36 -1.10
CA LYS A 81 -9.71 20.95 -2.40
C LYS A 81 -11.24 21.06 -2.44
N GLY A 82 -11.88 21.08 -1.26
CA GLY A 82 -13.34 21.17 -1.16
C GLY A 82 -14.04 19.84 -1.37
N TRP A 83 -13.37 18.75 -0.96
CA TRP A 83 -13.88 17.40 -1.16
C TRP A 83 -14.29 16.79 0.16
N VAL A 84 -13.58 17.15 1.21
CA VAL A 84 -13.88 16.68 2.55
C VAL A 84 -14.29 17.85 3.42
N GLU A 85 -15.02 17.57 4.49
CA GLU A 85 -15.25 18.57 5.52
C GLU A 85 -15.14 17.98 6.92
N ARG A 86 -14.63 18.80 7.85
CA ARG A 86 -14.53 18.41 9.26
C ARG A 86 -15.82 18.77 10.01
N LEU A 87 -16.12 17.99 11.05
CA LEU A 87 -17.30 18.25 11.89
C LEU A 87 -17.03 17.88 13.34
N PRO A 88 -17.63 18.63 14.28
CA PRO A 88 -17.76 18.13 15.64
C PRO A 88 -18.81 17.03 15.70
N ASN A 89 -18.42 15.86 16.23
CA ASN A 89 -19.36 14.75 16.41
C ASN A 89 -20.05 14.81 17.79
N PRO A 90 -21.10 13.99 17.97
CA PRO A 90 -21.79 13.94 19.27
C PRO A 90 -20.96 13.23 20.36
N ASN A 91 -19.80 13.81 20.70
CA ASN A 91 -18.99 13.34 21.84
C ASN A 91 -18.19 14.47 22.48
N VAL A 96 -13.23 15.00 16.32
CA VAL A 96 -13.80 15.47 15.06
C VAL A 96 -14.16 14.30 14.12
N LEU A 97 -15.16 14.53 13.26
CA LEU A 97 -15.50 13.57 12.21
C LEU A 97 -15.20 14.18 10.83
N VAL A 98 -14.79 13.33 9.88
CA VAL A 98 -14.69 13.75 8.49
C VAL A 98 -15.73 13.06 7.60
N LYS A 99 -16.16 13.77 6.57
CA LYS A 99 -17.12 13.23 5.63
C LYS A 99 -16.99 13.94 4.32
N LEU A 100 -17.42 13.30 3.25
CA LEU A 100 -17.35 13.89 1.93
C LEU A 100 -18.29 15.06 1.83
N THR A 101 -17.86 16.09 1.12
CA THR A 101 -18.77 17.10 0.60
C THR A 101 -19.46 16.56 -0.65
N THR A 102 -20.47 17.28 -1.13
CA THR A 102 -21.09 16.98 -2.41
C THR A 102 -20.05 16.77 -3.50
N GLY A 103 -19.13 17.71 -3.61
CA GLY A 103 -18.12 17.66 -4.65
C GLY A 103 -17.19 16.50 -4.47
N GLY A 104 -16.94 16.13 -3.21
CA GLY A 104 -16.15 14.95 -2.90
C GLY A 104 -16.83 13.67 -3.32
N ALA A 105 -18.12 13.56 -3.02
CA ALA A 105 -18.90 12.42 -3.46
C ALA A 105 -18.86 12.28 -4.97
N ALA A 106 -19.02 13.41 -5.67
CA ALA A 106 -19.09 13.41 -7.14
C ALA A 106 -17.77 12.98 -7.77
N ILE A 107 -16.67 13.41 -7.18
CA ILE A 107 -15.35 13.12 -7.74
C ILE A 107 -14.94 11.68 -7.43
N SER A 108 -15.46 11.16 -6.31
CA SER A 108 -15.25 9.78 -5.95
C SER A 108 -15.98 8.83 -6.90
N GLU A 109 -17.24 9.14 -7.18
CA GLU A 109 -18.01 8.36 -8.11
C GLU A 109 -17.41 8.40 -9.53
N GLN A 110 -17.21 9.60 -10.06
CA GLN A 110 -16.53 9.77 -11.34
C GLN A 110 -15.21 9.03 -11.35
N SER A 111 -14.46 9.22 -10.27
CA SER A 111 -13.17 8.58 -10.11
C SER A 111 -13.28 7.07 -10.29
N HIS A 112 -14.26 6.47 -9.61
CA HIS A 112 -14.47 5.03 -9.67
C HIS A 112 -14.81 4.55 -11.06
N GLN A 113 -15.68 5.30 -11.73
CA GLN A 113 -16.19 4.92 -13.05
C GLN A 113 -15.13 5.04 -14.14
N LEU A 114 -14.23 6.01 -14.00
CA LEU A 114 -13.24 6.28 -15.05
C LEU A 114 -12.16 5.21 -15.10
N VAL A 115 -11.85 4.63 -13.94
CA VAL A 115 -10.68 3.77 -13.83
C VAL A 115 -11.01 2.31 -13.80
N GLY A 116 -12.25 1.99 -13.41
CA GLY A 116 -12.65 0.59 -13.19
C GLY A 116 -12.37 -0.31 -14.38
N GLN A 117 -12.85 0.09 -15.55
CA GLN A 117 -12.74 -0.72 -16.76
C GLN A 117 -11.30 -0.89 -17.21
N ASP A 118 -10.58 0.24 -17.30
CA ASP A 118 -9.20 0.24 -17.79
C ASP A 118 -8.29 -0.54 -16.86
N LEU A 119 -8.55 -0.44 -15.56
CA LEU A 119 -7.72 -1.11 -14.56
C LEU A 119 -7.80 -2.62 -14.70
N HIS A 120 -9.01 -3.15 -14.74
CA HIS A 120 -9.23 -4.55 -14.98
C HIS A 120 -8.49 -5.01 -16.19
N GLN A 121 -8.72 -4.33 -17.31
CA GLN A 121 -8.12 -4.73 -18.59
C GLN A 121 -6.61 -4.83 -18.49
N GLU A 122 -5.99 -3.82 -17.90
CA GLU A 122 -4.53 -3.77 -17.78
C GLU A 122 -4.02 -4.86 -16.82
N LEU A 123 -4.69 -5.01 -15.70
CA LEU A 123 -4.26 -5.97 -14.69
C LEU A 123 -4.32 -7.41 -15.21
N THR A 124 -5.26 -7.67 -16.12
CA THR A 124 -5.57 -9.04 -16.56
C THR A 124 -5.11 -9.32 -17.98
N LYS A 125 -4.37 -8.40 -18.57
CA LYS A 125 -4.02 -8.50 -19.96
C LYS A 125 -3.31 -9.82 -20.30
N ASN A 126 -2.45 -10.29 -19.39
CA ASN A 126 -1.68 -11.52 -19.63
C ASN A 126 -2.34 -12.77 -19.07
N LEU A 127 -3.63 -12.69 -18.77
CA LEU A 127 -4.33 -13.78 -18.09
C LEU A 127 -5.57 -14.25 -18.84
N THR A 128 -5.78 -15.56 -18.84
CA THR A 128 -7.03 -16.15 -19.28
C THR A 128 -8.17 -15.73 -18.37
N ALA A 129 -9.38 -15.78 -18.91
CA ALA A 129 -10.57 -15.65 -18.10
C ALA A 129 -10.50 -16.62 -16.93
N ASP A 130 -10.06 -17.84 -17.21
CA ASP A 130 -9.99 -18.87 -16.18
C ASP A 130 -8.91 -18.55 -15.16
N GLU A 131 -7.74 -18.16 -15.66
CA GLU A 131 -6.65 -17.79 -14.77
C GLU A 131 -7.06 -16.65 -13.85
N VAL A 132 -7.79 -15.69 -14.38
CA VAL A 132 -8.28 -14.58 -13.57
C VAL A 132 -9.24 -15.07 -12.46
N ALA A 133 -10.15 -15.97 -12.82
CA ALA A 133 -11.06 -16.58 -11.83
C ALA A 133 -10.29 -17.30 -10.73
N THR A 134 -9.27 -18.06 -11.12
CA THR A 134 -8.47 -18.80 -10.14
C THR A 134 -7.74 -17.85 -9.17
N LEU A 135 -7.14 -16.79 -9.71
CA LEU A 135 -6.40 -15.83 -8.92
C LEU A 135 -7.31 -15.14 -7.88
N GLU A 136 -8.48 -14.70 -8.34
CA GLU A 136 -9.45 -14.11 -7.43
C GLU A 136 -9.87 -15.09 -6.34
N TYR A 137 -10.17 -16.31 -6.74
CA TYR A 137 -10.54 -17.35 -5.79
C TYR A 137 -9.45 -17.51 -4.72
N LEU A 138 -8.21 -17.69 -5.17
CA LEU A 138 -7.10 -17.96 -4.24
C LEU A 138 -6.74 -16.72 -3.38
N LEU A 139 -6.88 -15.53 -3.94
CA LEU A 139 -6.66 -14.33 -3.15
C LEU A 139 -7.66 -14.30 -1.99
N LYS A 140 -8.94 -14.54 -2.30
CA LYS A 140 -9.98 -14.61 -1.27
C LYS A 140 -9.61 -15.60 -0.17
N LYS A 141 -8.87 -16.66 -0.51
CA LYS A 141 -8.55 -17.72 0.48
C LYS A 141 -7.51 -17.28 1.50
N VAL A 142 -6.72 -16.26 1.16
CA VAL A 142 -5.75 -15.71 2.08
C VAL A 142 -6.43 -14.90 3.18
N LEU A 143 -7.62 -14.36 2.88
CA LEU A 143 -8.19 -13.23 3.63
C LEU A 143 -8.73 -13.58 5.01
N PRO A 144 -9.46 -14.70 5.11
CA PRO A 144 -9.72 -15.33 6.40
C PRO A 144 -8.41 -15.77 7.08
N ASP B 6 -18.23 -16.68 2.83
CA ASP B 6 -18.82 -15.33 2.99
C ASP B 6 -18.47 -14.46 1.80
N LEU B 7 -17.17 -14.27 1.58
CA LEU B 7 -16.65 -13.61 0.38
C LEU B 7 -16.84 -14.47 -0.86
N PHE B 8 -17.20 -15.74 -0.66
CA PHE B 8 -17.15 -16.73 -1.73
C PHE B 8 -18.48 -16.83 -2.46
N ASN B 9 -19.45 -16.02 -2.04
CA ASN B 9 -20.61 -15.74 -2.87
C ASN B 9 -20.42 -14.52 -3.79
N GLU B 10 -19.57 -13.58 -3.38
CA GLU B 10 -19.46 -12.27 -4.05
C GLU B 10 -18.42 -12.28 -5.19
N ILE B 11 -18.75 -11.61 -6.29
CA ILE B 11 -17.77 -11.34 -7.34
C ILE B 11 -17.03 -10.02 -7.05
N ILE B 12 -15.78 -10.12 -6.59
CA ILE B 12 -15.02 -8.96 -6.14
C ILE B 12 -13.88 -8.66 -7.11
N PRO B 13 -13.81 -7.40 -7.58
CA PRO B 13 -12.78 -6.97 -8.54
C PRO B 13 -11.36 -7.25 -8.03
N LEU B 14 -10.46 -7.56 -8.96
CA LEU B 14 -9.12 -7.97 -8.61
C LEU B 14 -8.36 -6.87 -7.89
N GLY B 15 -8.61 -5.63 -8.31
CA GLY B 15 -8.04 -4.47 -7.63
C GLY B 15 -8.31 -4.46 -6.13
N ARG B 16 -9.58 -4.60 -5.75
CA ARG B 16 -9.94 -4.61 -4.35
C ARG B 16 -9.32 -5.80 -3.62
N LEU B 17 -9.30 -6.96 -4.27
CA LEU B 17 -8.74 -8.15 -3.64
C LEU B 17 -7.27 -7.98 -3.29
N ILE B 18 -6.51 -7.41 -4.21
CA ILE B 18 -5.11 -7.12 -3.94
C ILE B 18 -4.97 -6.09 -2.83
N HIS B 19 -5.74 -5.01 -2.92
CA HIS B 19 -5.86 -4.05 -1.81
C HIS B 19 -6.07 -4.79 -0.50
N MET B 20 -7.12 -5.60 -0.44
CA MET B 20 -7.49 -6.28 0.80
C MET B 20 -6.37 -7.18 1.31
N VAL B 21 -5.82 -8.00 0.41
CA VAL B 21 -4.78 -8.91 0.79
C VAL B 21 -3.53 -8.17 1.21
N ASN B 22 -3.29 -7.02 0.62
CA ASN B 22 -2.18 -6.19 1.01
C ASN B 22 -2.34 -5.56 2.41
N GLN B 23 -3.55 -5.07 2.69
CA GLN B 23 -3.88 -4.60 4.04
C GLN B 23 -3.57 -5.68 5.07
N LYS B 24 -3.96 -6.92 4.77
CA LYS B 24 -3.69 -8.03 5.67
C LYS B 24 -2.20 -8.26 5.85
N LYS B 25 -1.44 -8.22 4.76
CA LYS B 25 0.00 -8.35 4.85
C LYS B 25 0.57 -7.33 5.82
N ASP B 26 0.11 -6.08 5.71
CA ASP B 26 0.67 -5.00 6.52
C ASP B 26 0.34 -5.18 7.99
N ARG B 27 -0.90 -5.56 8.28
CA ARG B 27 -1.30 -5.83 9.65
C ARG B 27 -0.41 -6.91 10.28
N LEU B 28 -0.20 -8.00 9.54
CA LEU B 28 0.70 -9.07 9.97
C LEU B 28 2.13 -8.55 10.16
N LEU B 29 2.61 -7.77 9.20
CA LEU B 29 3.93 -7.16 9.31
C LEU B 29 4.09 -6.38 10.61
N ASN B 30 3.13 -5.50 10.90
CA ASN B 30 3.19 -4.67 12.11
C ASN B 30 3.18 -5.50 13.38
N GLU B 31 2.38 -6.56 13.37
CA GLU B 31 2.31 -7.47 14.51
C GLU B 31 3.64 -8.14 14.77
N TYR B 32 4.21 -8.75 13.74
CA TYR B 32 5.43 -9.53 13.88
C TYR B 32 6.67 -8.66 14.13
N LEU B 33 6.57 -7.37 13.75
CA LEU B 33 7.71 -6.45 13.82
C LEU B 33 7.83 -5.82 15.19
N SER B 34 6.73 -5.82 15.95
CA SER B 34 6.62 -5.00 17.15
C SER B 34 7.75 -5.27 18.17
N PRO B 35 8.18 -6.54 18.29
CA PRO B 35 9.29 -6.86 19.20
C PRO B 35 10.54 -6.01 18.93
N LEU B 36 10.62 -5.44 17.74
CA LEU B 36 11.80 -4.66 17.34
C LEU B 36 11.51 -3.16 17.27
N ASP B 37 10.31 -2.78 17.73
CA ASP B 37 9.95 -1.37 17.81
C ASP B 37 10.13 -0.69 16.45
N ILE B 38 9.47 -1.23 15.44
CA ILE B 38 9.48 -0.64 14.11
C ILE B 38 8.20 -0.99 13.38
N THR B 39 7.65 -0.03 12.66
CA THR B 39 6.36 -0.23 11.97
C THR B 39 6.55 -0.78 10.56
N ALA B 40 5.49 -1.37 10.02
CA ALA B 40 5.47 -1.77 8.62
C ALA B 40 6.00 -0.66 7.73
N ALA B 41 5.49 0.55 7.93
CA ALA B 41 5.83 1.68 7.06
C ALA B 41 7.34 1.96 7.11
N GLN B 42 7.88 2.02 8.32
CA GLN B 42 9.31 2.21 8.50
C GLN B 42 10.10 1.07 7.86
N PHE B 43 9.59 -0.15 8.03
CA PHE B 43 10.23 -1.33 7.46
C PHE B 43 10.37 -1.18 5.95
N LYS B 44 9.29 -0.77 5.31
CA LYS B 44 9.25 -0.72 3.86
C LYS B 44 10.16 0.33 3.31
N VAL B 45 10.29 1.44 4.04
CA VAL B 45 11.16 2.50 3.61
C VAL B 45 12.60 2.09 3.75
N LEU B 46 12.93 1.45 4.87
CA LEU B 46 14.28 0.91 5.06
C LEU B 46 14.65 -0.08 3.93
N SER B 47 13.68 -0.91 3.52
CA SER B 47 13.93 -1.93 2.51
C SER B 47 14.21 -1.34 1.15
N SER B 48 13.40 -0.35 0.75
CA SER B 48 13.63 0.39 -0.50
C SER B 48 15.02 1.05 -0.54
N ILE B 49 15.45 1.61 0.59
CA ILE B 49 16.78 2.22 0.66
C ILE B 49 17.87 1.17 0.59
N ARG B 50 17.73 0.14 1.43
CA ARG B 50 18.60 -1.04 1.38
C ARG B 50 18.91 -1.50 -0.04
N SER B 51 17.87 -1.66 -0.86
CA SER B 51 18.06 -2.29 -2.16
C SER B 51 18.62 -1.34 -3.21
N ALA B 52 18.35 -0.05 -3.06
CA ALA B 52 18.96 0.95 -3.94
C ALA B 52 20.35 1.32 -3.46
N ALA B 53 20.63 1.06 -2.18
CA ALA B 53 21.92 1.41 -1.55
C ALA B 53 21.99 2.87 -1.15
N SER B 54 21.78 3.76 -2.12
CA SER B 54 21.51 5.17 -1.84
C SER B 54 20.60 5.75 -2.91
N ILE B 55 19.71 6.65 -2.49
CA ILE B 55 18.55 7.01 -3.32
C ILE B 55 18.01 8.44 -3.04
N THR B 56 17.58 9.11 -4.10
CA THR B 56 16.96 10.42 -4.00
C THR B 56 15.62 10.33 -3.32
N PRO B 57 15.33 11.28 -2.43
CA PRO B 57 14.01 11.37 -1.82
C PRO B 57 12.93 11.47 -2.90
N VAL B 58 13.21 12.22 -3.95
CA VAL B 58 12.34 12.27 -5.11
C VAL B 58 12.11 10.89 -5.66
N GLU B 59 13.20 10.19 -5.95
CA GLU B 59 13.13 8.80 -6.47
C GLU B 59 12.43 7.88 -5.48
N LEU B 60 12.85 7.95 -4.22
CA LEU B 60 12.25 7.14 -3.19
C LEU B 60 10.74 7.39 -3.10
N LYS B 61 10.35 8.65 -3.26
CA LYS B 61 8.93 9.02 -3.35
C LYS B 61 8.27 8.27 -4.51
N LYS B 62 8.97 8.18 -5.62
CA LYS B 62 8.43 7.58 -6.83
C LYS B 62 8.30 6.07 -6.67
N VAL B 63 9.23 5.48 -5.94
CA VAL B 63 9.31 4.03 -5.82
C VAL B 63 8.37 3.49 -4.74
N LEU B 64 7.81 4.40 -3.94
CA LEU B 64 6.96 4.01 -2.81
C LEU B 64 5.54 4.54 -2.96
N SER B 65 5.39 5.63 -3.71
CA SER B 65 4.08 6.07 -4.17
C SER B 65 3.24 6.81 -3.10
N VAL B 66 3.86 7.18 -1.97
CA VAL B 66 3.24 8.17 -1.04
C VAL B 66 3.67 9.59 -1.35
N ASP B 67 3.18 10.52 -0.55
CA ASP B 67 3.40 11.92 -0.81
C ASP B 67 4.81 12.39 -0.42
N LEU B 68 5.30 13.42 -1.10
CA LEU B 68 6.65 13.93 -0.93
C LEU B 68 6.90 14.41 0.52
N GLY B 69 5.97 15.20 1.04
CA GLY B 69 6.06 15.66 2.42
C GLY B 69 6.09 14.54 3.45
N ALA B 70 5.17 13.58 3.30
CA ALA B 70 5.07 12.45 4.25
C ALA B 70 6.37 11.67 4.37
N LEU B 71 7.15 11.65 3.30
CA LEU B 71 8.39 10.91 3.27
C LEU B 71 9.52 11.68 3.96
N THR B 72 9.63 12.97 3.64
CA THR B 72 10.53 13.88 4.37
C THR B 72 10.38 13.73 5.87
N ARG B 73 9.14 13.80 6.34
CA ARG B 73 8.85 13.61 7.76
C ARG B 73 9.32 12.24 8.24
N MET B 74 9.02 11.21 7.45
CA MET B 74 9.38 9.82 7.81
C MET B 74 10.89 9.64 7.87
N LEU B 75 11.58 10.13 6.84
CA LEU B 75 13.04 10.21 6.85
C LEU B 75 13.59 10.95 8.08
N ASP B 76 12.95 12.06 8.47
CA ASP B 76 13.35 12.79 9.68
C ASP B 76 13.40 11.86 10.87
N ARG B 77 12.32 11.11 11.08
CA ARG B 77 12.23 10.16 12.18
C ARG B 77 13.31 9.07 12.04
N LEU B 78 13.43 8.48 10.86
CA LEU B 78 14.38 7.41 10.62
C LEU B 78 15.80 7.87 10.90
N VAL B 79 16.12 9.09 10.47
CA VAL B 79 17.40 9.71 10.78
C VAL B 79 17.61 9.86 12.29
N CYS B 80 16.60 10.38 12.98
CA CYS B 80 16.64 10.51 14.44
C CYS B 80 16.84 9.15 15.11
N LYS B 81 16.07 8.15 14.67
CA LYS B 81 16.25 6.77 15.12
C LYS B 81 17.69 6.27 14.88
N GLY B 82 18.42 6.94 13.98
CA GLY B 82 19.81 6.58 13.70
C GLY B 82 19.93 5.38 12.76
N TRP B 83 18.96 5.23 11.87
CA TRP B 83 18.91 4.10 10.92
C TRP B 83 19.25 4.57 9.53
N VAL B 84 18.92 5.82 9.25
CA VAL B 84 19.20 6.45 7.96
C VAL B 84 20.09 7.67 8.13
N GLU B 85 20.86 8.02 7.09
CA GLU B 85 21.54 9.31 7.06
C GLU B 85 21.37 10.05 5.74
N ARG B 86 21.34 11.37 5.82
CA ARG B 86 21.30 12.23 4.63
C ARG B 86 22.71 12.55 4.15
N LEU B 87 22.86 12.73 2.84
CA LEU B 87 24.15 13.08 2.24
C LEU B 87 23.97 14.02 1.07
N PRO B 88 24.92 14.96 0.87
CA PRO B 88 25.05 15.59 -0.43
C PRO B 88 25.59 14.57 -1.44
N ASN B 89 24.88 14.41 -2.55
CA ASN B 89 25.38 13.60 -3.67
C ASN B 89 26.23 14.43 -4.64
N PRO B 90 26.90 13.75 -5.59
CA PRO B 90 27.73 14.43 -6.58
C PRO B 90 26.89 15.16 -7.64
N ASN B 91 26.09 16.12 -7.20
CA ASN B 91 25.34 17.00 -8.12
C ASN B 91 25.13 18.40 -7.54
N GLY B 95 20.88 18.74 -4.31
CA GLY B 95 20.23 17.45 -4.14
C GLY B 95 20.83 16.63 -3.02
N VAL B 96 20.01 15.78 -2.39
CA VAL B 96 20.49 14.91 -1.31
C VAL B 96 20.22 13.43 -1.58
N LEU B 97 21.15 12.59 -1.12
CA LEU B 97 20.99 11.14 -1.14
C LEU B 97 20.71 10.62 0.26
N VAL B 98 19.87 9.57 0.35
CA VAL B 98 19.72 8.83 1.60
C VAL B 98 20.25 7.38 1.51
N LYS B 99 20.71 6.86 2.65
CA LYS B 99 21.32 5.54 2.71
C LYS B 99 21.24 5.04 4.14
N LEU B 100 21.27 3.72 4.30
CA LEU B 100 21.25 3.13 5.63
C LEU B 100 22.56 3.37 6.34
N THR B 101 22.47 3.68 7.63
CA THR B 101 23.60 3.54 8.54
C THR B 101 23.86 2.08 8.78
N THR B 102 24.98 1.78 9.43
CA THR B 102 25.20 0.48 10.03
C THR B 102 23.99 -0.04 10.79
N GLY B 103 23.47 0.76 11.72
CA GLY B 103 22.35 0.34 12.56
C GLY B 103 21.08 0.15 11.76
N GLY B 104 20.93 0.94 10.69
CA GLY B 104 19.84 0.75 9.74
C GLY B 104 19.92 -0.59 9.04
N ALA B 105 21.10 -0.93 8.55
CA ALA B 105 21.33 -2.18 7.86
C ALA B 105 21.04 -3.37 8.77
N ALA B 106 21.46 -3.26 10.04
CA ALA B 106 21.29 -4.37 10.99
C ALA B 106 19.83 -4.58 11.33
N ILE B 107 19.11 -3.51 11.57
CA ILE B 107 17.71 -3.63 11.94
C ILE B 107 16.86 -4.11 10.77
N SER B 108 17.28 -3.73 9.56
CA SER B 108 16.63 -4.21 8.36
C SER B 108 16.84 -5.71 8.16
N GLU B 109 18.06 -6.19 8.42
CA GLU B 109 18.35 -7.62 8.34
C GLU B 109 17.58 -8.38 9.40
N GLN B 110 17.73 -7.96 10.67
CA GLN B 110 16.98 -8.58 11.76
C GLN B 110 15.50 -8.54 11.47
N SER B 111 15.06 -7.40 10.97
CA SER B 111 13.67 -7.17 10.65
C SER B 111 13.16 -8.22 9.63
N HIS B 112 13.91 -8.39 8.55
CA HIS B 112 13.59 -9.39 7.53
C HIS B 112 13.54 -10.80 8.09
N GLN B 113 14.50 -11.14 8.94
CA GLN B 113 14.66 -12.52 9.43
C GLN B 113 13.57 -12.90 10.44
N LEU B 114 13.12 -11.92 11.24
CA LEU B 114 12.14 -12.18 12.30
C LEU B 114 10.76 -12.51 11.74
N VAL B 115 10.54 -12.12 10.49
CA VAL B 115 9.21 -11.81 9.99
C VAL B 115 8.85 -12.78 8.86
N GLY B 116 9.88 -13.24 8.14
CA GLY B 116 9.69 -13.97 6.89
C GLY B 116 8.98 -15.29 7.07
N GLN B 117 9.36 -16.04 8.10
CA GLN B 117 8.83 -17.38 8.33
C GLN B 117 7.37 -17.31 8.77
N ASP B 118 7.09 -16.47 9.77
CA ASP B 118 5.74 -16.35 10.31
C ASP B 118 4.77 -15.79 9.26
N LEU B 119 5.27 -14.92 8.40
CA LEU B 119 4.42 -14.27 7.41
C LEU B 119 3.95 -15.24 6.37
N HIS B 120 4.88 -16.04 5.86
CA HIS B 120 4.55 -17.10 4.95
C HIS B 120 3.52 -18.02 5.55
N GLN B 121 3.78 -18.50 6.76
CA GLN B 121 2.86 -19.44 7.42
C GLN B 121 1.45 -18.88 7.54
N GLU B 122 1.35 -17.62 7.94
CA GLU B 122 0.06 -17.00 8.16
C GLU B 122 -0.68 -16.77 6.83
N LEU B 123 0.06 -16.30 5.83
CA LEU B 123 -0.54 -15.94 4.55
C LEU B 123 -1.04 -17.17 3.82
N THR B 124 -0.47 -18.33 4.12
CA THR B 124 -0.78 -19.57 3.35
C THR B 124 -1.51 -20.62 4.18
N LYS B 125 -1.93 -20.25 5.39
CA LYS B 125 -2.53 -21.21 6.31
C LYS B 125 -3.70 -21.97 5.66
N ASN B 126 -4.52 -21.27 4.88
CA ASN B 126 -5.71 -21.85 4.23
C ASN B 126 -5.46 -22.34 2.82
N LEU B 127 -4.19 -22.57 2.48
CA LEU B 127 -3.85 -22.97 1.11
C LEU B 127 -3.07 -24.27 1.07
N THR B 128 -3.39 -25.10 0.08
CA THR B 128 -2.55 -26.23 -0.32
C THR B 128 -1.21 -25.76 -0.83
N ALA B 129 -0.19 -26.61 -0.71
CA ALA B 129 1.09 -26.37 -1.34
C ALA B 129 0.91 -26.09 -2.85
N ASP B 130 -0.14 -26.66 -3.41
CA ASP B 130 -0.39 -26.54 -4.84
C ASP B 130 -1.13 -25.25 -5.16
N GLU B 131 -2.12 -24.92 -4.34
CA GLU B 131 -2.77 -23.65 -4.43
C GLU B 131 -1.77 -22.49 -4.27
N VAL B 132 -0.82 -22.65 -3.34
CA VAL B 132 0.20 -21.62 -3.13
C VAL B 132 1.01 -21.40 -4.40
N ALA B 133 1.45 -22.50 -5.00
CA ALA B 133 2.23 -22.43 -6.23
C ALA B 133 1.45 -21.74 -7.36
N THR B 134 0.17 -22.07 -7.47
CA THR B 134 -0.69 -21.53 -8.52
C THR B 134 -0.83 -20.04 -8.33
N LEU B 135 -1.05 -19.61 -7.10
CA LEU B 135 -1.31 -18.21 -6.80
C LEU B 135 -0.06 -17.38 -7.11
N GLU B 136 1.08 -17.83 -6.61
CA GLU B 136 2.37 -17.21 -6.94
C GLU B 136 2.56 -17.11 -8.45
N TYR B 137 2.34 -18.21 -9.16
CA TYR B 137 2.48 -18.23 -10.61
C TYR B 137 1.62 -17.14 -11.28
N LEU B 138 0.38 -16.99 -10.81
CA LEU B 138 -0.57 -16.17 -11.50
C LEU B 138 -0.34 -14.71 -11.15
N LEU B 139 0.10 -14.48 -9.92
CA LEU B 139 0.50 -13.14 -9.48
C LEU B 139 1.64 -12.59 -10.34
N LYS B 140 2.65 -13.40 -10.60
CA LYS B 140 3.71 -13.02 -11.52
C LYS B 140 3.16 -12.65 -12.89
N LYS B 141 2.15 -13.39 -13.36
CA LYS B 141 1.65 -13.20 -14.73
C LYS B 141 1.00 -11.83 -14.91
N VAL B 142 0.62 -11.20 -13.80
CA VAL B 142 0.03 -9.87 -13.84
C VAL B 142 1.10 -8.81 -14.15
N LEU B 143 2.35 -9.11 -13.77
CA LEU B 143 3.38 -8.09 -13.56
C LEU B 143 3.99 -7.52 -14.85
N PRO B 144 4.27 -8.40 -15.82
CA PRO B 144 4.49 -7.93 -17.19
C PRO B 144 3.24 -7.22 -17.74
#